data_3EJV
#
_entry.id   3EJV
#
_cell.length_a   79.540
_cell.length_b   79.540
_cell.length_c   79.540
_cell.angle_alpha   90.000
_cell.angle_beta   90.000
_cell.angle_gamma   90.000
#
_symmetry.space_group_name_H-M   'P 21 3'
#
loop_
_entity.id
_entity.type
_entity.pdbx_description
1 polymer 'uncharacterized protein with cystatin-like fold'
2 non-polymer 'UNKNOWN LIGAND'
3 non-polymer 1,2-ETHANEDIOL
4 non-polymer 'TRIETHYLENE GLYCOL'
5 water water
#
_entity_poly.entity_id   1
_entity_poly.type   'polypeptide(L)'
_entity_poly.pdbx_seq_one_letter_code
;(MSE)GSDKIHHHHHHENLYFQG(MSE)T(MSE)ADETIILNVLGQYTRAHDRRDPDA(MSE)AALFAPEATIEIVDAVG
GASRSISRLEGRDAIRVAVRQ(MSE)(MSE)APHGYRAWSQNVVNAPIIVIEGDHAVLDAQF(MSE)VFSILAAEVPDGG
WPTGTFGAQGRIVPIEAGQYRLTLRTVADGWVISA(MSE)RIEHRLP(MSE)AFG
;
_entity_poly.pdbx_strand_id   A
#
loop_
_chem_comp.id
_chem_comp.type
_chem_comp.name
_chem_comp.formula
EDO non-polymer 1,2-ETHANEDIOL 'C2 H6 O2'
PGE non-polymer 'TRIETHYLENE GLYCOL' 'C6 H14 O4'
UNL non-polymer 'UNKNOWN LIGAND' ?
#
# COMPACT_ATOMS: atom_id res chain seq x y z
N THR A 21 -13.22 1.82 -22.81
CA THR A 21 -12.41 0.65 -22.37
C THR A 21 -10.91 0.87 -22.59
N MSE A 22 -10.14 0.78 -21.51
CA MSE A 22 -8.68 0.89 -21.59
C MSE A 22 -8.02 -0.49 -21.55
O MSE A 22 -8.66 -1.46 -21.23
CB MSE A 22 -8.19 1.74 -20.41
CG MSE A 22 -8.59 3.21 -20.51
SE MSE A 22 -7.81 4.17 -19.05
CE MSE A 22 -8.80 3.36 -17.58
N ALA A 23 -6.72 -0.56 -21.88
CA ALA A 23 -5.99 -1.84 -21.82
C ALA A 23 -6.07 -2.43 -20.41
N ASP A 24 -6.18 -3.75 -20.34
CA ASP A 24 -6.23 -4.46 -19.05
C ASP A 24 -5.03 -4.10 -18.18
N GLU A 25 -3.84 -3.98 -18.77
CA GLU A 25 -2.65 -3.63 -17.97
C GLU A 25 -2.79 -2.28 -17.29
N THR A 26 -3.37 -1.32 -17.99
CA THR A 26 -3.63 0.00 -17.42
C THR A 26 -4.66 -0.07 -16.32
N ILE A 27 -5.76 -0.79 -16.53
CA ILE A 27 -6.76 -0.95 -15.48
CA ILE A 27 -6.76 -0.93 -15.49
C ILE A 27 -6.14 -1.57 -14.24
N ILE A 28 -5.31 -2.60 -14.43
CA ILE A 28 -4.63 -3.26 -13.30
C ILE A 28 -3.66 -2.30 -12.59
N LEU A 29 -2.87 -1.56 -13.35
CA LEU A 29 -1.97 -0.58 -12.73
C LEU A 29 -2.75 0.53 -12.02
N ASN A 30 -3.93 0.87 -12.57
CA ASN A 30 -4.80 1.82 -11.89
C ASN A 30 -5.25 1.33 -10.51
N VAL A 31 -5.53 0.03 -10.39
CA VAL A 31 -5.86 -0.54 -9.09
C VAL A 31 -4.70 -0.35 -8.12
N LEU A 32 -3.48 -0.66 -8.57
CA LEU A 32 -2.29 -0.46 -7.73
C LEU A 32 -2.17 1.01 -7.29
N GLY A 33 -2.41 1.94 -8.21
CA GLY A 33 -2.37 3.35 -7.85
C GLY A 33 -3.44 3.74 -6.84
N GLN A 34 -4.63 3.17 -6.99
CA GLN A 34 -5.68 3.45 -6.01
CA GLN A 34 -5.70 3.43 -6.02
C GLN A 34 -5.33 2.87 -4.65
N TYR A 35 -4.62 1.75 -4.67
CA TYR A 35 -4.14 1.13 -3.42
C TYR A 35 -3.19 2.06 -2.68
N THR A 36 -2.22 2.62 -3.41
CA THR A 36 -1.32 3.54 -2.73
C THR A 36 -2.01 4.79 -2.24
N ARG A 37 -2.96 5.30 -3.02
CA ARG A 37 -3.70 6.48 -2.56
C ARG A 37 -4.43 6.19 -1.23
N ALA A 38 -5.10 5.04 -1.17
CA ALA A 38 -5.85 4.67 0.04
C ALA A 38 -4.91 4.44 1.22
N HIS A 39 -3.76 3.79 0.94
CA HIS A 39 -2.74 3.54 1.93
C HIS A 39 -2.30 4.84 2.58
N ASP A 40 -1.96 5.81 1.76
CA ASP A 40 -1.39 7.07 2.28
C ASP A 40 -2.45 7.94 2.93
N ARG A 41 -3.70 7.82 2.48
CA ARG A 41 -4.83 8.51 3.12
C ARG A 41 -5.27 7.83 4.42
N ARG A 42 -4.83 6.59 4.63
CA ARG A 42 -5.30 5.74 5.71
C ARG A 42 -6.83 5.61 5.62
N ASP A 43 -7.33 5.36 4.42
CA ASP A 43 -8.76 5.30 4.12
C ASP A 43 -9.20 3.83 4.01
N PRO A 44 -9.78 3.28 5.11
CA PRO A 44 -10.08 1.84 5.09
C PRO A 44 -11.11 1.45 4.05
N ASP A 45 -12.06 2.34 3.80
CA ASP A 45 -13.15 2.01 2.88
C ASP A 45 -12.69 2.06 1.45
N ALA A 46 -11.89 3.07 1.09
CA ALA A 46 -11.29 3.08 -0.25
C ALA A 46 -10.38 1.86 -0.46
N MSE A 47 -9.64 1.47 0.57
CA MSE A 47 -8.78 0.31 0.46
CA MSE A 47 -8.78 0.30 0.45
C MSE A 47 -9.62 -0.96 0.25
O MSE A 47 -9.39 -1.72 -0.69
CB MSE A 47 -7.92 0.19 1.72
CB MSE A 47 -7.90 0.13 1.69
CG MSE A 47 -7.05 -1.01 1.77
CG MSE A 47 -7.28 -1.25 1.79
SE MSE A 47 -5.68 -1.08 0.49
SE MSE A 47 -5.54 -1.26 2.58
CE MSE A 47 -4.42 0.22 1.43
CE MSE A 47 -4.61 -0.13 1.23
N ALA A 48 -10.60 -1.17 1.12
CA ALA A 48 -11.40 -2.40 1.04
C ALA A 48 -12.14 -2.57 -0.28
N ALA A 49 -12.56 -1.46 -0.86
CA ALA A 49 -13.33 -1.49 -2.12
C ALA A 49 -12.53 -2.05 -3.31
N LEU A 50 -11.21 -2.09 -3.19
CA LEU A 50 -10.35 -2.65 -4.24
C LEU A 50 -10.27 -4.16 -4.24
N PHE A 51 -10.78 -4.80 -3.17
CA PHE A 51 -10.68 -6.24 -2.96
C PHE A 51 -12.01 -6.94 -3.16
N ALA A 52 -11.94 -8.17 -3.64
CA ALA A 52 -13.11 -9.06 -3.61
C ALA A 52 -13.54 -9.25 -2.16
N PRO A 53 -14.85 -9.44 -1.91
CA PRO A 53 -15.32 -9.56 -0.52
C PRO A 53 -14.54 -10.53 0.36
N GLU A 54 -14.17 -11.66 -0.21
CA GLU A 54 -13.51 -12.71 0.54
C GLU A 54 -11.96 -12.72 0.43
N ALA A 55 -11.37 -11.68 -0.13
CA ALA A 55 -9.92 -11.70 -0.40
C ALA A 55 -9.12 -11.72 0.89
N THR A 56 -7.92 -12.28 0.79
CA THR A 56 -6.98 -12.28 1.90
CA THR A 56 -6.98 -12.27 1.90
C THR A 56 -5.70 -11.51 1.55
N ILE A 57 -5.16 -10.84 2.56
CA ILE A 57 -3.82 -10.24 2.49
C ILE A 57 -2.92 -11.03 3.46
N GLU A 58 -1.86 -11.63 2.92
CA GLU A 58 -0.83 -12.29 3.73
CA GLU A 58 -0.83 -12.31 3.70
C GLU A 58 0.34 -11.34 3.85
N ILE A 59 0.64 -10.92 5.07
CA ILE A 59 1.76 -10.00 5.35
C ILE A 59 2.86 -10.86 5.95
N VAL A 60 4.05 -10.76 5.35
CA VAL A 60 5.15 -11.65 5.74
CA VAL A 60 5.16 -11.69 5.52
C VAL A 60 6.48 -10.95 5.84
N ASP A 61 7.30 -11.51 6.72
CA ASP A 61 8.67 -11.10 6.94
C ASP A 61 9.53 -11.84 5.93
N ALA A 62 10.14 -11.07 5.03
CA ALA A 62 10.97 -11.61 3.97
C ALA A 62 12.45 -11.28 4.18
N VAL A 63 12.83 -10.79 5.36
CA VAL A 63 14.25 -10.49 5.61
C VAL A 63 15.07 -11.76 5.39
N GLY A 64 16.14 -11.64 4.60
CA GLY A 64 16.97 -12.80 4.27
C GLY A 64 16.29 -13.85 3.40
N GLY A 65 15.17 -13.49 2.75
CA GLY A 65 14.41 -14.40 1.92
C GLY A 65 13.55 -15.38 2.72
N ALA A 66 13.32 -15.06 3.99
CA ALA A 66 12.36 -15.80 4.80
C ALA A 66 10.93 -15.59 4.29
N SER A 67 10.01 -16.35 4.87
CA SER A 67 8.61 -16.19 4.59
C SER A 67 7.86 -16.40 5.89
N ARG A 68 8.19 -15.63 6.92
CA ARG A 68 7.56 -15.77 8.23
C ARG A 68 6.31 -14.90 8.31
N SER A 69 5.18 -15.49 8.69
CA SER A 69 3.94 -14.75 8.78
C SER A 69 3.97 -13.63 9.81
N ILE A 70 3.57 -12.42 9.40
CA ILE A 70 3.33 -11.31 10.30
C ILE A 70 1.84 -11.22 10.68
N SER A 71 0.99 -11.22 9.66
CA SER A 71 -0.45 -11.18 9.84
CA SER A 71 -0.46 -11.15 9.82
C SER A 71 -1.16 -11.71 8.60
N ARG A 72 -2.30 -12.38 8.81
CA ARG A 72 -3.16 -12.82 7.72
CA ARG A 72 -3.16 -12.80 7.72
C ARG A 72 -4.50 -12.13 7.89
N LEU A 73 -4.88 -11.33 6.91
CA LEU A 73 -6.09 -10.54 6.96
C LEU A 73 -7.11 -11.15 6.04
N GLU A 74 -8.18 -11.70 6.60
CA GLU A 74 -9.14 -12.46 5.83
C GLU A 74 -10.43 -11.67 5.69
N GLY A 75 -10.68 -11.15 4.49
CA GLY A 75 -11.88 -10.40 4.21
C GLY A 75 -11.76 -8.90 4.41
N ARG A 76 -12.74 -8.18 3.87
CA ARG A 76 -12.68 -6.72 3.87
C ARG A 76 -12.68 -6.06 5.25
N ASP A 77 -13.47 -6.57 6.19
CA ASP A 77 -13.45 -6.00 7.52
C ASP A 77 -12.08 -6.07 8.20
N ALA A 78 -11.41 -7.22 8.06
CA ALA A 78 -10.08 -7.37 8.58
C ALA A 78 -9.10 -6.38 7.96
N ILE A 79 -9.24 -6.19 6.65
CA ILE A 79 -8.40 -5.20 5.93
C ILE A 79 -8.68 -3.79 6.48
N ARG A 80 -9.96 -3.45 6.66
CA ARG A 80 -10.31 -2.12 7.14
C ARG A 80 -9.70 -1.83 8.50
N VAL A 81 -9.81 -2.78 9.41
CA VAL A 81 -9.24 -2.62 10.74
C VAL A 81 -7.72 -2.50 10.69
N ALA A 82 -7.06 -3.29 9.86
CA ALA A 82 -5.60 -3.23 9.75
C ALA A 82 -5.08 -1.89 9.24
N VAL A 83 -5.86 -1.21 8.38
CA VAL A 83 -5.42 0.11 7.90
C VAL A 83 -5.18 1.06 9.09
N ARG A 84 -5.99 0.90 10.12
CA ARG A 84 -5.85 1.72 11.34
C ARG A 84 -4.85 1.15 12.33
N GLN A 85 -4.92 -0.14 12.58
CA GLN A 85 -4.21 -0.78 13.69
C GLN A 85 -2.79 -1.27 13.35
N MSE A 86 -2.46 -1.47 12.06
CA MSE A 86 -1.12 -1.95 11.63
C MSE A 86 -0.14 -0.93 11.05
O MSE A 86 1.00 -1.26 10.70
CB MSE A 86 -1.24 -3.07 10.61
CG MSE A 86 -1.89 -4.30 11.15
SE MSE A 86 -1.60 -5.84 10.00
CE MSE A 86 0.28 -5.81 10.14
N MSE A 87 -0.60 0.31 10.88
CA MSE A 87 0.37 1.35 10.56
CA MSE A 87 0.16 1.42 10.33
C MSE A 87 -0.01 2.59 11.32
O MSE A 87 -1.11 2.75 11.83
CB MSE A 87 0.56 1.58 9.04
CB MSE A 87 -0.45 1.85 8.96
CG MSE A 87 -0.73 1.79 8.31
CG MSE A 87 -1.24 0.77 8.15
SE MSE A 87 -0.58 1.83 6.35
SE MSE A 87 -2.12 1.39 6.42
CE MSE A 87 -0.53 0.07 6.08
CE MSE A 87 -0.61 2.29 5.70
N ALA A 88 1.00 3.43 11.51
CA ALA A 88 0.83 4.63 12.33
C ALA A 88 -0.20 5.56 11.70
N PRO A 89 -1.15 6.05 12.48
CA PRO A 89 -1.97 7.16 12.01
C PRO A 89 -1.12 8.39 11.72
N HIS A 90 -1.60 9.22 10.80
CA HIS A 90 -0.97 10.51 10.58
C HIS A 90 -1.39 11.54 11.61
N GLY A 91 -0.40 11.90 12.42
N GLY A 91 -0.42 12.09 12.33
CA GLY A 91 -0.46 13.04 13.32
CA GLY A 91 -0.61 13.41 12.98
C GLY A 91 -0.31 14.33 12.54
C GLY A 91 -1.01 14.38 11.89
N TYR A 92 -0.48 15.45 13.23
N TYR A 92 -1.66 15.50 12.18
CA TYR A 92 -0.73 16.75 12.62
CA TYR A 92 -2.32 16.12 11.02
C TYR A 92 0.30 17.10 11.53
C TYR A 92 -1.58 17.06 10.08
N ARG A 93 -0.19 17.44 10.33
N ARG A 93 -0.28 17.25 10.36
CA ARG A 93 0.70 17.79 9.19
CA ARG A 93 0.74 17.77 9.41
C ARG A 93 1.61 16.62 8.70
C ARG A 93 1.47 16.64 8.64
N ALA A 94 1.23 15.40 9.05
CA ALA A 94 1.96 14.22 8.57
C ALA A 94 1.26 13.57 7.40
N TRP A 95 2.06 12.88 6.58
CA TRP A 95 1.54 12.16 5.44
C TRP A 95 2.52 11.03 5.13
N SER A 96 2.28 10.34 4.03
CA SER A 96 3.20 9.30 3.58
C SER A 96 3.12 9.19 2.08
N GLN A 97 4.13 8.56 1.50
CA GLN A 97 4.07 8.21 0.11
C GLN A 97 4.52 6.76 -0.07
N ASN A 98 3.64 5.97 -0.67
CA ASN A 98 3.92 4.56 -0.97
C ASN A 98 4.38 4.48 -2.41
N VAL A 99 5.71 4.47 -2.59
CA VAL A 99 6.36 4.50 -3.90
C VAL A 99 6.44 3.08 -4.46
N VAL A 100 5.39 2.69 -5.16
CA VAL A 100 5.40 1.40 -5.87
C VAL A 100 6.16 1.59 -7.18
N ASN A 101 6.90 0.57 -7.58
CA ASN A 101 7.80 0.73 -8.71
C ASN A 101 8.20 -0.63 -9.29
N ALA A 102 8.69 -0.60 -10.54
CA ALA A 102 9.21 -1.81 -11.20
C ALA A 102 8.14 -2.92 -11.31
N PRO A 103 6.91 -2.56 -11.75
CA PRO A 103 5.90 -3.62 -11.84
C PRO A 103 6.22 -4.65 -12.92
N ILE A 104 5.82 -5.90 -12.62
CA ILE A 104 5.84 -7.01 -13.57
C ILE A 104 4.41 -7.54 -13.60
N ILE A 105 3.81 -7.63 -14.78
CA ILE A 105 2.39 -8.04 -14.93
CA ILE A 105 2.42 -8.09 -14.87
C ILE A 105 2.30 -9.24 -15.86
N VAL A 106 1.59 -10.28 -15.44
CA VAL A 106 1.31 -11.39 -16.34
C VAL A 106 -0.21 -11.61 -16.29
N ILE A 107 -0.85 -11.46 -17.44
CA ILE A 107 -2.30 -11.67 -17.59
C ILE A 107 -2.48 -12.98 -18.35
N GLU A 108 -3.30 -13.86 -17.78
CA GLU A 108 -3.71 -15.09 -18.46
CA GLU A 108 -3.71 -15.10 -18.44
C GLU A 108 -5.22 -15.20 -18.34
N GLY A 109 -5.89 -14.75 -19.40
CA GLY A 109 -7.34 -14.75 -19.48
C GLY A 109 -7.95 -13.74 -18.53
N ASP A 110 -8.74 -14.24 -17.59
CA ASP A 110 -9.49 -13.42 -16.64
CA ASP A 110 -9.45 -13.35 -16.68
C ASP A 110 -8.79 -13.31 -15.28
N HIS A 111 -7.55 -13.78 -15.20
CA HIS A 111 -6.73 -13.64 -13.99
C HIS A 111 -5.41 -12.97 -14.35
N ALA A 112 -4.85 -12.28 -13.39
CA ALA A 112 -3.57 -11.62 -13.57
C ALA A 112 -2.79 -11.67 -12.28
N VAL A 113 -1.46 -11.61 -12.42
CA VAL A 113 -0.57 -11.46 -11.28
C VAL A 113 0.28 -10.22 -11.54
N LEU A 114 0.37 -9.39 -10.52
CA LEU A 114 1.19 -8.18 -10.54
C LEU A 114 2.18 -8.21 -9.40
N ASP A 115 3.46 -8.06 -9.69
CA ASP A 115 4.48 -7.94 -8.63
C ASP A 115 5.08 -6.53 -8.73
N ALA A 116 5.12 -5.82 -7.61
CA ALA A 116 5.71 -4.49 -7.57
C ALA A 116 6.64 -4.36 -6.39
N GLN A 117 7.76 -3.69 -6.60
CA GLN A 117 8.57 -3.21 -5.48
C GLN A 117 7.83 -2.08 -4.80
N PHE A 118 8.03 -1.91 -3.49
CA PHE A 118 7.47 -0.76 -2.80
C PHE A 118 8.43 -0.21 -1.78
N MSE A 119 8.34 1.12 -1.61
CA MSE A 119 9.06 1.79 -0.53
C MSE A 119 8.17 2.89 0.03
O MSE A 119 7.71 3.74 -0.74
CB MSE A 119 10.36 2.38 -1.06
CG MSE A 119 11.23 3.01 0.06
SE MSE A 119 13.02 3.50 -0.58
CE MSE A 119 13.60 1.68 -1.05
N VAL A 120 7.92 2.85 1.34
CA VAL A 120 7.08 3.86 1.97
C VAL A 120 7.96 4.90 2.64
N PHE A 121 7.62 6.16 2.39
CA PHE A 121 8.28 7.31 3.03
C PHE A 121 7.29 8.01 3.94
N SER A 122 7.74 8.36 5.14
CA SER A 122 7.01 9.27 6.00
C SER A 122 7.29 10.71 5.56
N ILE A 123 6.25 11.55 5.63
CA ILE A 123 6.35 12.96 5.33
C ILE A 123 5.88 13.74 6.56
N LEU A 124 6.72 14.64 7.05
CA LEU A 124 6.30 15.49 8.17
C LEU A 124 6.51 16.94 7.78
N ALA A 125 5.41 17.64 7.62
CA ALA A 125 5.45 19.04 7.27
C ALA A 125 5.79 19.89 8.51
N ALA A 126 6.74 20.80 8.35
CA ALA A 126 7.00 21.79 9.40
C ALA A 126 5.78 22.70 9.56
N GLU A 127 5.56 23.18 10.79
CA GLU A 127 4.55 24.22 10.99
C GLU A 127 4.99 25.52 10.33
N VAL A 128 4.04 26.19 9.68
CA VAL A 128 4.32 27.46 9.05
C VAL A 128 4.30 28.55 10.13
N PRO A 129 5.40 29.28 10.31
CA PRO A 129 5.40 30.32 11.37
C PRO A 129 4.38 31.42 11.08
N ASP A 130 3.66 31.87 12.11
CA ASP A 130 2.70 32.96 11.94
C ASP A 130 3.31 34.22 11.37
N GLY A 131 4.54 34.51 11.76
CA GLY A 131 5.30 35.65 11.23
C GLY A 131 5.96 35.42 9.89
N GLY A 132 5.73 34.25 9.28
CA GLY A 132 6.29 33.95 8.00
C GLY A 132 7.66 33.30 8.10
N TRP A 133 8.14 32.71 7.00
CA TRP A 133 9.49 32.14 6.98
C TRP A 133 10.49 33.26 7.11
N PRO A 134 11.50 33.08 7.98
CA PRO A 134 12.55 34.08 8.06
C PRO A 134 13.29 34.25 6.75
N THR A 135 13.82 35.46 6.51
CA THR A 135 14.64 35.72 5.35
C THR A 135 15.73 34.66 5.23
N GLY A 136 15.89 34.12 4.02
CA GLY A 136 16.90 33.08 3.75
C GLY A 136 16.41 31.65 3.82
N THR A 137 15.11 31.48 4.08
CA THR A 137 14.51 30.15 4.12
C THR A 137 14.03 29.81 2.71
N PHE A 138 14.55 28.71 2.16
CA PHE A 138 14.18 28.26 0.82
C PHE A 138 13.82 26.79 0.78
N GLY A 139 12.91 26.44 -0.11
CA GLY A 139 12.56 25.04 -0.36
C GLY A 139 11.58 24.46 0.63
N ALA A 140 11.35 23.16 0.51
CA ALA A 140 10.46 22.47 1.40
C ALA A 140 10.93 22.49 2.84
N GLN A 141 9.97 22.66 3.73
CA GLN A 141 10.24 22.69 5.17
C GLN A 141 9.59 21.50 5.86
N GLY A 142 10.43 20.60 6.34
CA GLY A 142 9.95 19.39 6.98
C GLY A 142 10.93 18.26 6.76
N ARG A 143 10.43 17.03 6.90
CA ARG A 143 11.30 15.85 6.87
C ARG A 143 10.62 14.76 6.04
N ILE A 144 11.39 14.11 5.17
CA ILE A 144 10.93 12.95 4.40
C ILE A 144 11.90 11.81 4.69
N VAL A 145 11.40 10.65 5.13
CA VAL A 145 12.26 9.55 5.55
C VAL A 145 11.72 8.22 4.99
N PRO A 146 12.58 7.40 4.36
CA PRO A 146 12.15 6.07 3.97
C PRO A 146 11.99 5.18 5.20
N ILE A 147 10.80 4.57 5.36
N ILE A 147 10.84 4.55 5.34
CA ILE A 147 10.37 3.83 6.59
CA ILE A 147 10.62 3.78 6.53
C ILE A 147 9.91 2.35 6.39
C ILE A 147 10.36 2.30 6.28
N GLU A 148 9.73 1.92 5.14
CA GLU A 148 9.41 0.51 4.84
C GLU A 148 9.89 0.21 3.43
N ALA A 149 10.24 -1.06 3.18
CA ALA A 149 10.59 -1.48 1.83
C ALA A 149 10.34 -2.96 1.64
N GLY A 150 9.86 -3.33 0.47
CA GLY A 150 9.64 -4.74 0.17
C GLY A 150 8.99 -4.92 -1.19
N GLN A 151 8.17 -5.95 -1.32
CA GLN A 151 7.44 -6.26 -2.54
C GLN A 151 5.97 -6.59 -2.24
N TYR A 152 5.13 -6.19 -3.19
CA TYR A 152 3.72 -6.58 -3.25
C TYR A 152 3.55 -7.59 -4.36
N ARG A 153 2.73 -8.62 -4.09
CA ARG A 153 2.29 -9.53 -5.14
C ARG A 153 0.77 -9.62 -5.09
N LEU A 154 0.13 -9.15 -6.14
CA LEU A 154 -1.34 -9.11 -6.20
C LEU A 154 -1.83 -10.14 -7.18
N THR A 155 -2.88 -10.88 -6.82
CA THR A 155 -3.63 -11.67 -7.78
C THR A 155 -4.90 -10.90 -8.03
N LEU A 156 -5.23 -10.69 -9.31
CA LEU A 156 -6.44 -9.96 -9.68
C LEU A 156 -7.30 -10.84 -10.57
N ARG A 157 -8.59 -10.55 -10.53
CA ARG A 157 -9.54 -11.22 -11.43
C ARG A 157 -10.50 -10.19 -12.00
N THR A 158 -11.14 -10.54 -13.12
CA THR A 158 -12.04 -9.62 -13.75
C THR A 158 -13.37 -9.53 -13.00
N VAL A 159 -13.94 -8.34 -13.11
CA VAL A 159 -15.30 -8.06 -12.72
C VAL A 159 -15.93 -7.35 -13.93
N ALA A 160 -17.23 -7.10 -13.88
CA ALA A 160 -17.90 -6.51 -15.04
C ALA A 160 -17.23 -5.23 -15.52
N ASP A 161 -16.85 -4.38 -14.58
CA ASP A 161 -16.33 -3.06 -14.93
C ASP A 161 -14.80 -2.92 -14.90
N GLY A 162 -14.07 -4.01 -14.71
CA GLY A 162 -12.62 -3.90 -14.58
C GLY A 162 -12.00 -5.09 -13.88
N TRP A 163 -11.18 -4.81 -12.87
CA TRP A 163 -10.42 -5.82 -12.18
C TRP A 163 -10.46 -5.57 -10.68
N VAL A 164 -10.49 -6.65 -9.89
CA VAL A 164 -10.41 -6.53 -8.42
CA VAL A 164 -10.48 -6.60 -8.44
C VAL A 164 -9.31 -7.44 -7.90
N ILE A 165 -8.84 -7.11 -6.70
CA ILE A 165 -7.78 -7.89 -6.07
C ILE A 165 -8.45 -9.08 -5.36
N SER A 166 -8.06 -10.29 -5.75
CA SER A 166 -8.56 -11.50 -5.12
C SER A 166 -7.64 -12.06 -4.04
N ALA A 167 -6.35 -11.71 -4.07
CA ALA A 167 -5.40 -12.11 -3.05
C ALA A 167 -4.22 -11.16 -3.13
N MSE A 168 -3.56 -10.93 -1.99
CA MSE A 168 -2.38 -10.08 -1.97
CA MSE A 168 -2.38 -10.05 -1.94
C MSE A 168 -1.37 -10.61 -0.95
O MSE A 168 -1.74 -11.09 0.11
CB MSE A 168 -2.76 -8.66 -1.60
CB MSE A 168 -2.80 -8.63 -1.52
CG MSE A 168 -1.61 -7.67 -1.60
CG MSE A 168 -1.66 -7.69 -1.07
SE MSE A 168 -2.34 -5.88 -1.62
SE MSE A 168 -0.46 -7.08 -2.48
CE MSE A 168 -0.59 -4.85 -1.63
CE MSE A 168 -0.55 -5.20 -2.19
N ARG A 169 -0.09 -10.53 -1.32
CA ARG A 169 1.03 -10.82 -0.42
CA ARG A 169 1.02 -10.80 -0.40
C ARG A 169 1.88 -9.56 -0.27
N ILE A 170 2.20 -9.23 0.98
CA ILE A 170 3.09 -8.11 1.29
C ILE A 170 4.33 -8.70 1.93
N GLU A 171 5.48 -8.52 1.29
CA GLU A 171 6.78 -8.98 1.80
C GLU A 171 7.59 -7.79 2.29
N HIS A 172 7.90 -7.77 3.58
CA HIS A 172 8.72 -6.72 4.16
C HIS A 172 10.18 -7.15 4.26
N ARG A 173 11.07 -6.23 3.87
CA ARG A 173 12.52 -6.45 3.94
C ARG A 173 13.21 -5.77 5.13
N LEU A 174 12.39 -5.23 6.05
CA LEU A 174 12.84 -4.80 7.40
CA LEU A 174 12.87 -4.88 7.39
C LEU A 174 11.93 -5.50 8.42
N PRO A 175 12.45 -5.82 9.61
CA PRO A 175 11.58 -6.35 10.67
C PRO A 175 10.61 -5.27 11.10
N MSE A 176 9.39 -5.68 11.41
CA MSE A 176 8.30 -4.79 11.79
C MSE A 176 7.92 -5.03 13.25
O MSE A 176 7.68 -6.17 13.65
CB MSE A 176 7.12 -5.00 10.86
CG MSE A 176 7.48 -4.82 9.38
SE MSE A 176 8.07 -3.04 8.91
CE MSE A 176 6.43 -2.30 8.99
N ALA A 177 7.92 -3.95 14.01
CA ALA A 177 7.57 -3.98 15.44
C ALA A 177 6.21 -3.34 15.68
N PHE A 178 5.49 -3.87 16.67
CA PHE A 178 4.11 -3.43 16.94
C PHE A 178 3.89 -3.01 18.41
N GLY A 179 4.97 -2.54 19.04
CA GLY A 179 4.86 -1.84 20.31
C GLY A 179 5.15 -2.68 21.54
O1 UNL B . 1.05 -2.56 4.23
O2 UNL B . -0.17 -2.24 3.45
O3 UNL B . -0.03 -1.96 2.19
O4 UNL B . -1.35 -2.73 4.33
O5 UNL B . -1.40 -3.09 5.73
O6 UNL B . -2.77 -3.30 6.17
O7 UNL B . -3.90 -3.22 5.32
O8 UNL B . -3.83 -2.80 3.99
O9 UNL B . -2.59 -2.36 3.50
C1 EDO C . 13.84 2.34 8.24
O1 EDO C . 14.27 3.58 7.69
C2 EDO C . 13.37 2.62 9.64
O2 EDO C . 12.09 3.19 9.61
C1 EDO D . 2.14 -2.44 8.08
O1 EDO D . 2.89 -1.53 7.30
C2 EDO D . 2.17 -3.86 7.55
O2 EDO D . 2.25 -4.00 6.13
C1 EDO E . -0.92 -12.99 -3.95
C1 EDO E . -0.43 -13.65 -4.57
O1 EDO E . -0.62 -13.03 -5.34
O1 EDO E . -1.19 -12.46 -4.53
C2 EDO E . -1.12 -14.39 -3.38
C2 EDO E . -0.76 -14.52 -3.36
O2 EDO E . -1.28 -14.34 -1.96
O2 EDO E . 0.46 -14.86 -2.69
C1 EDO F . -9.98 -15.47 -7.88
O1 EDO F . -8.57 -15.49 -8.21
C2 EDO F . -10.37 -16.55 -6.89
O2 EDO F . -11.23 -17.53 -7.49
C1 PGE G . 17.06 31.53 8.38
O1 PGE G . 17.50 30.21 8.03
C2 PGE G . 16.65 31.52 9.85
O2 PGE G . 17.51 32.30 10.63
C3 PGE G . 17.02 32.69 11.91
C4 PGE G . 16.72 31.51 12.85
O4 PGE G . 12.94 29.92 13.13
C6 PGE G . 13.48 30.45 14.35
C5 PGE G . 14.99 30.66 14.26
O3 PGE G . 15.33 31.50 13.15
#